data_4HKU
#
_entry.id   4HKU
#
_cell.length_a   46.668
_cell.length_b   81.560
_cell.length_c   105.425
_cell.angle_alpha   90.00
_cell.angle_beta   90.00
_cell.angle_gamma   90.00
#
_symmetry.space_group_name_H-M   'P 21 21 21'
#
loop_
_entity.id
_entity.type
_entity.pdbx_description
1 polymer 'TetR transcriptional regulator'
2 water water
#
_entity_poly.entity_id   1
_entity_poly.type   'polypeptide(L)'
_entity_poly.pdbx_seq_one_letter_code
;SNA(MSE)ARLSQEIILN(MSE)AEKIIYEKG(MSE)EKTTLYDIASNLNVTHAALYKHYRNKEDLFQKLALRWLEETSR
EIFAWTQDAGQTPDDALHDWLWLLADTKKKRYKTDRK(MSE)FLLYTDYIEQNEELVKNHVAHLAQKAEEVSGRTNQGNA
IITAFTYFHNPYFASRWEQAGYVDLFEDVWQIVK
;
_entity_poly.pdbx_strand_id   A,B
#
# COMPACT_ATOMS: atom_id res chain seq x y z
N ALA A 5 -47.33 3.36 -0.21
CA ALA A 5 -46.28 4.25 -0.66
C ALA A 5 -45.01 4.04 0.18
N ARG A 6 -43.92 3.63 -0.47
CA ARG A 6 -42.69 3.22 0.23
C ARG A 6 -41.39 3.69 -0.45
N LEU A 7 -40.31 3.73 0.32
CA LEU A 7 -38.98 4.04 -0.19
C LEU A 7 -38.46 2.90 -1.04
N SER A 8 -37.57 3.24 -1.95
CA SER A 8 -36.80 2.26 -2.71
C SER A 8 -35.39 2.11 -2.13
N GLN A 9 -34.80 0.95 -2.32
CA GLN A 9 -33.44 0.69 -1.89
C GLN A 9 -32.49 1.71 -2.50
N GLU A 10 -32.73 2.07 -3.76
CA GLU A 10 -31.83 2.96 -4.48
C GLU A 10 -31.95 4.43 -4.06
N ILE A 11 -33.14 4.85 -3.63
CA ILE A 11 -33.27 6.23 -3.18
C ILE A 11 -32.54 6.40 -1.86
N ILE A 12 -32.50 5.32 -1.09
CA ILE A 12 -31.80 5.31 0.19
C ILE A 12 -30.30 5.31 -0.07
N LEU A 13 -29.85 4.34 -0.85
CA LEU A 13 -28.46 4.29 -1.27
C LEU A 13 -28.01 5.63 -1.81
N ASN A 14 -28.73 6.13 -2.80
CA ASN A 14 -28.38 7.41 -3.41
C ASN A 14 -28.32 8.55 -2.40
N MSE A 15 -29.23 8.57 -1.44
CA MSE A 15 -29.25 9.71 -0.53
C MSE A 15 -28.08 9.58 0.41
O MSE A 15 -27.47 10.58 0.80
CB MSE A 15 -30.56 9.84 0.25
CG MSE A 15 -30.49 10.85 1.39
SE MSE A 15 -30.18 12.70 0.75
CE MSE A 15 -31.74 12.78 -0.40
N ALA A 16 -27.78 8.34 0.76
CA ALA A 16 -26.66 8.05 1.64
C ALA A 16 -25.36 8.53 0.97
N GLU A 17 -25.26 8.29 -0.33
CA GLU A 17 -24.04 8.61 -1.06
C GLU A 17 -23.87 10.12 -1.14
N LYS A 18 -24.99 10.81 -1.32
CA LYS A 18 -24.98 12.26 -1.40
C LYS A 18 -24.44 12.82 -0.07
N ILE A 19 -24.91 12.26 1.05
CA ILE A 19 -24.54 12.80 2.34
C ILE A 19 -23.09 12.49 2.70
N ILE A 20 -22.68 11.27 2.37
CA ILE A 20 -21.31 10.86 2.56
C ILE A 20 -20.39 11.78 1.78
N TYR A 21 -20.75 12.05 0.52
CA TYR A 21 -19.93 12.92 -0.31
C TYR A 21 -19.81 14.30 0.32
N GLU A 22 -20.87 14.75 0.98
CA GLU A 22 -20.85 16.05 1.62
C GLU A 22 -20.05 16.06 2.93
N LYS A 23 -20.08 14.97 3.70
CA LYS A 23 -19.52 15.06 5.04
C LYS A 23 -18.80 13.80 5.54
N GLY A 24 -18.68 12.80 4.69
CA GLY A 24 -17.94 11.60 5.03
C GLY A 24 -18.79 10.59 5.76
N MSE A 25 -18.35 9.33 5.72
CA MSE A 25 -19.02 8.23 6.39
C MSE A 25 -19.15 8.41 7.88
O MSE A 25 -20.21 8.17 8.43
CB MSE A 25 -18.26 6.94 6.17
CG MSE A 25 -18.80 6.15 5.02
SE MSE A 25 -17.79 4.54 4.76
CE MSE A 25 -18.54 3.97 3.05
N GLU A 26 -18.05 8.79 8.53
CA GLU A 26 -18.01 8.81 10.00
C GLU A 26 -19.13 9.66 10.62
N LYS A 27 -19.57 10.68 9.90
CA LYS A 27 -20.55 11.61 10.45
C LYS A 27 -21.92 11.39 9.85
N THR A 28 -22.09 10.29 9.12
CA THR A 28 -23.35 10.01 8.45
C THR A 28 -24.09 8.88 9.15
N THR A 29 -25.33 9.16 9.53
CA THR A 29 -26.15 8.16 10.20
C THR A 29 -27.43 7.87 9.42
N LEU A 30 -28.06 6.74 9.73
CA LEU A 30 -29.41 6.46 9.17
C LEU A 30 -30.37 7.60 9.50
N TYR A 31 -30.22 8.17 10.70
CA TYR A 31 -31.10 9.26 11.03
C TYR A 31 -30.95 10.43 10.05
N ASP A 32 -29.72 10.72 9.63
CA ASP A 32 -29.49 11.81 8.67
C ASP A 32 -30.16 11.47 7.34
N ILE A 33 -30.01 10.22 6.91
CA ILE A 33 -30.58 9.79 5.65
C ILE A 33 -32.12 9.86 5.68
N ALA A 34 -32.74 9.37 6.76
CA ALA A 34 -34.19 9.44 6.87
C ALA A 34 -34.68 10.88 6.81
N SER A 35 -34.03 11.73 7.59
CA SER A 35 -34.44 13.11 7.75
C SER A 35 -34.46 13.82 6.40
N ASN A 36 -33.41 13.64 5.63
CA ASN A 36 -33.32 14.21 4.29
C ASN A 36 -34.31 13.62 3.31
N LEU A 37 -34.76 12.41 3.58
CA LEU A 37 -35.75 11.76 2.72
C LEU A 37 -37.16 12.08 3.20
N ASN A 38 -37.28 12.98 4.16
CA ASN A 38 -38.60 13.29 4.68
C ASN A 38 -39.37 12.05 5.15
N VAL A 39 -38.67 11.11 5.77
CA VAL A 39 -39.33 9.88 6.24
C VAL A 39 -38.94 9.56 7.68
N THR A 40 -39.83 8.92 8.42
CA THR A 40 -39.48 8.52 9.77
C THR A 40 -38.36 7.48 9.79
N HIS A 41 -37.40 7.77 10.67
CA HIS A 41 -36.25 6.94 11.00
C HIS A 41 -36.50 5.42 10.88
N ALA A 42 -37.45 4.90 11.64
CA ALA A 42 -37.70 3.45 11.67
C ALA A 42 -37.91 2.79 10.29
N ALA A 43 -38.36 3.55 9.30
CA ALA A 43 -38.71 2.97 8.01
C ALA A 43 -37.48 2.48 7.24
N LEU A 44 -36.31 3.01 7.59
CA LEU A 44 -35.08 2.59 6.92
C LEU A 44 -34.71 1.15 7.24
N TYR A 45 -35.13 0.67 8.40
CA TYR A 45 -34.55 -0.54 8.97
C TYR A 45 -34.91 -1.81 8.24
N LYS A 46 -36.00 -1.76 7.48
CA LYS A 46 -36.41 -2.93 6.71
C LYS A 46 -35.46 -3.15 5.53
N HIS A 47 -34.72 -2.09 5.17
CA HIS A 47 -33.71 -2.18 4.09
C HIS A 47 -32.33 -2.42 4.66
N TYR A 48 -31.96 -1.64 5.67
CA TYR A 48 -30.63 -1.75 6.28
C TYR A 48 -30.70 -1.68 7.81
N ARG A 49 -30.20 -2.76 8.44
CA ARG A 49 -30.17 -2.90 9.89
C ARG A 49 -29.45 -1.73 10.56
N ASN A 50 -28.41 -1.24 9.90
CA ASN A 50 -27.52 -0.23 10.47
C ASN A 50 -26.72 0.35 9.33
N LYS A 51 -26.08 1.49 9.57
CA LYS A 51 -25.30 2.14 8.54
C LYS A 51 -24.11 1.29 8.03
N GLU A 52 -23.57 0.37 8.85
CA GLU A 52 -22.41 -0.42 8.41
C GLU A 52 -22.79 -1.30 7.22
N ASP A 53 -23.95 -1.96 7.31
CA ASP A 53 -24.41 -2.75 6.18
C ASP A 53 -24.68 -1.88 4.95
N LEU A 54 -25.26 -0.71 5.18
CA LEU A 54 -25.51 0.24 4.09
C LEU A 54 -24.21 0.75 3.46
N PHE A 55 -23.23 1.09 4.32
CA PHE A 55 -21.92 1.55 3.84
C PHE A 55 -21.24 0.43 3.02
N GLN A 56 -21.34 -0.80 3.50
CA GLN A 56 -20.73 -1.92 2.79
C GLN A 56 -21.34 -2.09 1.39
N LYS A 57 -22.66 -1.91 1.29
CA LYS A 57 -23.32 -2.04 -0.03
C LYS A 57 -22.92 -0.89 -0.95
N LEU A 58 -22.71 0.30 -0.40
CA LEU A 58 -22.29 1.44 -1.22
C LEU A 58 -20.93 1.16 -1.81
N ALA A 59 -20.01 0.76 -0.94
CA ALA A 59 -18.63 0.55 -1.36
C ALA A 59 -18.57 -0.53 -2.43
N LEU A 60 -19.26 -1.62 -2.20
CA LEU A 60 -19.32 -2.71 -3.15
C LEU A 60 -19.91 -2.26 -4.47
N ARG A 61 -20.91 -1.38 -4.41
CA ARG A 61 -21.60 -0.93 -5.62
C ARG A 61 -20.64 -0.12 -6.47
N TRP A 62 -19.94 0.76 -5.79
CA TRP A 62 -18.96 1.64 -6.43
C TRP A 62 -17.87 0.80 -7.05
N LEU A 63 -17.41 -0.19 -6.30
CA LEU A 63 -16.36 -1.08 -6.78
C LEU A 63 -16.85 -1.85 -8.00
N GLU A 64 -18.09 -2.31 -7.93
CA GLU A 64 -18.66 -3.11 -9.00
C GLU A 64 -18.75 -2.32 -10.29
N GLU A 65 -19.31 -1.12 -10.18
CA GLU A 65 -19.55 -0.23 -11.34
C GLU A 65 -18.26 0.32 -11.93
N THR A 66 -17.30 0.68 -11.10
CA THR A 66 -16.06 1.24 -11.63
C THR A 66 -15.16 0.19 -12.25
N SER A 67 -15.49 -1.10 -12.10
CA SER A 67 -14.61 -2.16 -12.56
C SER A 67 -15.17 -2.94 -13.74
N ARG A 68 -16.38 -2.58 -14.18
CA ARG A 68 -17.12 -3.36 -15.18
C ARG A 68 -16.34 -3.55 -16.48
N GLU A 69 -15.55 -2.54 -16.85
CA GLU A 69 -14.82 -2.56 -18.10
C GLU A 69 -13.61 -3.48 -18.04
N ILE A 70 -13.02 -3.59 -16.85
CA ILE A 70 -11.87 -4.47 -16.66
C ILE A 70 -12.30 -5.91 -16.89
N PHE A 71 -13.48 -6.24 -16.38
CA PHE A 71 -13.98 -7.60 -16.45
C PHE A 71 -14.69 -7.92 -17.76
N ALA A 72 -15.15 -6.90 -18.47
CA ALA A 72 -15.89 -7.15 -19.71
C ALA A 72 -14.95 -7.17 -20.92
N TRP A 73 -13.69 -6.85 -20.65
CA TRP A 73 -12.70 -6.58 -21.69
C TRP A 73 -12.48 -7.76 -22.64
N THR A 74 -12.51 -7.47 -23.93
CA THR A 74 -12.11 -8.47 -24.94
C THR A 74 -10.89 -8.00 -25.73
N GLN A 75 -10.08 -8.94 -26.19
CA GLN A 75 -8.96 -8.61 -27.08
C GLN A 75 -9.42 -8.50 -28.52
N ASP A 76 -8.62 -7.84 -29.36
CA ASP A 76 -8.91 -7.80 -30.78
C ASP A 76 -8.47 -9.10 -31.40
N ALA A 77 -9.19 -9.55 -32.39
CA ALA A 77 -8.79 -10.74 -33.12
C ALA A 77 -7.36 -10.52 -33.58
N GLY A 78 -6.57 -11.58 -33.58
CA GLY A 78 -5.18 -11.47 -34.01
C GLY A 78 -4.17 -11.07 -32.93
N GLN A 79 -4.62 -10.87 -31.70
CA GLN A 79 -3.66 -10.66 -30.62
C GLN A 79 -3.24 -12.00 -30.05
N THR A 80 -1.95 -12.12 -29.74
CA THR A 80 -1.45 -13.27 -29.00
C THR A 80 -1.87 -13.15 -27.53
N PRO A 81 -1.97 -14.28 -26.83
CA PRO A 81 -2.34 -14.22 -25.42
C PRO A 81 -1.42 -13.29 -24.62
N ASP A 82 -0.14 -13.24 -24.98
CA ASP A 82 0.80 -12.35 -24.30
C ASP A 82 0.50 -10.87 -24.52
N ASP A 83 0.21 -10.51 -25.77
CA ASP A 83 -0.11 -9.13 -26.10
C ASP A 83 -1.41 -8.75 -25.41
N ALA A 84 -2.36 -9.67 -25.44
CA ALA A 84 -3.63 -9.41 -24.76
C ALA A 84 -3.38 -9.20 -23.26
N LEU A 85 -2.65 -10.11 -22.63
CA LEU A 85 -2.32 -9.97 -21.20
C LEU A 85 -1.74 -8.58 -20.90
N HIS A 86 -0.77 -8.17 -21.71
CA HIS A 86 -0.18 -6.85 -21.57
C HIS A 86 -1.25 -5.75 -21.67
N ASP A 87 -2.08 -5.81 -22.71
CA ASP A 87 -3.05 -4.73 -22.92
C ASP A 87 -4.08 -4.71 -21.79
N TRP A 88 -4.46 -5.88 -21.32
CA TRP A 88 -5.40 -5.95 -20.22
C TRP A 88 -4.82 -5.38 -18.92
N LEU A 89 -3.59 -5.74 -18.60
CA LEU A 89 -2.95 -5.20 -17.40
C LEU A 89 -2.83 -3.69 -17.46
N TRP A 90 -2.46 -3.16 -18.62
CA TRP A 90 -2.40 -1.72 -18.80
C TRP A 90 -3.75 -1.08 -18.56
N LEU A 91 -4.82 -1.68 -19.11
CA LEU A 91 -6.19 -1.18 -18.92
C LEU A 91 -6.59 -1.16 -17.46
N LEU A 92 -6.28 -2.24 -16.75
CA LEU A 92 -6.52 -2.31 -15.32
C LEU A 92 -5.83 -1.14 -14.61
N ALA A 93 -4.55 -0.96 -14.93
CA ALA A 93 -3.75 0.12 -14.34
C ALA A 93 -4.32 1.47 -14.69
N ASP A 94 -4.63 1.63 -15.97
CA ASP A 94 -5.17 2.88 -16.49
C ASP A 94 -6.51 3.20 -15.85
N THR A 95 -7.32 2.17 -15.65
CA THR A 95 -8.66 2.38 -15.12
C THR A 95 -8.61 2.89 -13.67
N LYS A 96 -7.74 2.30 -12.83
CA LYS A 96 -7.60 2.71 -11.43
C LYS A 96 -7.02 4.12 -11.36
N LYS A 97 -6.10 4.44 -12.27
CA LYS A 97 -5.50 5.77 -12.27
C LYS A 97 -6.49 6.84 -12.71
N LYS A 98 -7.20 6.59 -13.81
CA LYS A 98 -8.22 7.52 -14.28
C LYS A 98 -9.24 7.85 -13.19
N ARG A 99 -9.79 6.80 -12.55
CA ARG A 99 -10.81 7.00 -11.53
C ARG A 99 -10.32 7.88 -10.38
N TYR A 100 -9.07 7.65 -9.98
CA TYR A 100 -8.43 8.42 -8.91
C TYR A 100 -8.44 9.90 -9.27
N LYS A 101 -8.32 10.17 -10.56
CA LYS A 101 -8.24 11.53 -11.04
C LYS A 101 -9.64 12.17 -11.16
N THR A 102 -10.60 11.43 -11.71
CA THR A 102 -11.94 12.02 -11.93
C THR A 102 -12.93 11.89 -10.76
N ASP A 103 -12.68 10.96 -9.86
CA ASP A 103 -13.64 10.65 -8.79
C ASP A 103 -12.90 10.62 -7.48
N ARG A 104 -11.96 11.55 -7.35
CA ARG A 104 -10.95 11.49 -6.31
C ARG A 104 -11.54 11.31 -4.92
N LYS A 105 -12.50 12.15 -4.55
CA LYS A 105 -12.99 12.14 -3.18
C LYS A 105 -13.55 10.77 -2.81
N MSE A 106 -14.44 10.25 -3.65
CA MSE A 106 -15.07 8.95 -3.41
C MSE A 106 -14.08 7.80 -3.61
O MSE A 106 -14.15 6.79 -2.93
CB MSE A 106 -16.35 8.76 -4.26
CG MSE A 106 -17.41 9.80 -3.94
SE MSE A 106 -17.81 9.81 -2.02
CE MSE A 106 -18.78 8.16 -1.93
N PHE A 107 -13.19 7.94 -4.59
CA PHE A 107 -12.11 6.97 -4.72
C PHE A 107 -11.42 6.76 -3.37
N LEU A 108 -11.04 7.86 -2.74
CA LEU A 108 -10.27 7.75 -1.51
C LEU A 108 -11.10 7.07 -0.43
N LEU A 109 -12.35 7.49 -0.33
CA LEU A 109 -13.22 7.01 0.70
C LEU A 109 -13.55 5.53 0.53
N TYR A 110 -13.95 5.12 -0.66
CA TYR A 110 -14.38 3.73 -0.85
C TYR A 110 -13.19 2.79 -0.89
N THR A 111 -12.11 3.29 -1.45
CA THR A 111 -10.95 2.44 -1.62
C THR A 111 -10.31 2.20 -0.24
N ASP A 112 -10.24 3.25 0.58
CA ASP A 112 -9.91 3.09 1.98
C ASP A 112 -10.77 2.02 2.64
N TYR A 113 -12.07 2.08 2.39
CA TYR A 113 -13.03 1.26 3.12
C TYR A 113 -12.94 -0.21 2.71
N ILE A 114 -12.75 -0.42 1.42
CA ILE A 114 -12.67 -1.77 0.89
C ILE A 114 -11.40 -2.47 1.37
N GLU A 115 -10.28 -1.76 1.34
CA GLU A 115 -9.01 -2.33 1.78
C GLU A 115 -9.06 -2.83 3.24
N GLN A 116 -9.81 -2.13 4.09
CA GLN A 116 -9.94 -2.53 5.49
C GLN A 116 -10.86 -3.75 5.66
N ASN A 117 -11.34 -4.29 4.56
CA ASN A 117 -12.25 -5.42 4.63
C ASN A 117 -11.69 -6.66 3.94
N GLU A 118 -11.20 -7.60 4.74
CA GLU A 118 -10.46 -8.75 4.24
C GLU A 118 -11.27 -9.54 3.19
N GLU A 119 -12.55 -9.78 3.48
CA GLU A 119 -13.38 -10.60 2.59
C GLU A 119 -13.66 -9.91 1.26
N LEU A 120 -13.96 -8.62 1.32
CA LEU A 120 -14.16 -7.84 0.11
C LEU A 120 -12.90 -7.80 -0.72
N VAL A 121 -11.76 -7.52 -0.08
CA VAL A 121 -10.47 -7.41 -0.77
C VAL A 121 -10.12 -8.69 -1.50
N LYS A 122 -10.20 -9.81 -0.77
CA LYS A 122 -9.92 -11.13 -1.33
C LYS A 122 -10.83 -11.43 -2.53
N ASN A 123 -12.11 -11.09 -2.39
CA ASN A 123 -13.05 -11.35 -3.45
C ASN A 123 -12.65 -10.60 -4.70
N HIS A 124 -12.35 -9.31 -4.55
CA HIS A 124 -11.92 -8.50 -5.67
C HIS A 124 -10.69 -9.12 -6.33
N VAL A 125 -9.66 -9.39 -5.54
CA VAL A 125 -8.44 -9.94 -6.14
C VAL A 125 -8.66 -11.30 -6.79
N ALA A 126 -9.53 -12.12 -6.20
CA ALA A 126 -9.86 -13.39 -6.81
C ALA A 126 -10.37 -13.14 -8.25
N HIS A 127 -11.26 -12.16 -8.39
CA HIS A 127 -11.85 -11.82 -9.69
C HIS A 127 -10.77 -11.33 -10.65
N LEU A 128 -9.89 -10.46 -10.17
CA LEU A 128 -8.80 -10.00 -11.02
C LEU A 128 -7.91 -11.15 -11.51
N ALA A 129 -7.60 -12.06 -10.60
CA ALA A 129 -6.77 -13.22 -10.94
C ALA A 129 -7.46 -14.08 -12.00
N GLN A 130 -8.76 -14.32 -11.82
CA GLN A 130 -9.52 -15.11 -12.79
C GLN A 130 -9.50 -14.45 -14.18
N LYS A 131 -9.88 -13.19 -14.24
CA LYS A 131 -9.80 -12.45 -15.50
C LYS A 131 -8.40 -12.59 -16.15
N ALA A 132 -7.37 -12.32 -15.36
CA ALA A 132 -5.99 -12.41 -15.85
C ALA A 132 -5.72 -13.75 -16.56
N GLU A 133 -6.17 -14.84 -15.94
CA GLU A 133 -6.00 -16.16 -16.54
C GLU A 133 -6.81 -16.31 -17.82
N GLU A 134 -8.02 -15.77 -17.80
CA GLU A 134 -8.91 -15.88 -18.95
C GLU A 134 -8.30 -15.24 -20.19
N VAL A 135 -7.61 -14.13 -19.98
CA VAL A 135 -7.04 -13.35 -21.06
C VAL A 135 -5.67 -13.89 -21.51
N SER A 136 -4.83 -14.23 -20.53
CA SER A 136 -3.46 -14.68 -20.80
C SER A 136 -3.36 -16.17 -21.17
N GLY A 137 -4.27 -16.98 -20.62
CA GLY A 137 -4.18 -18.42 -20.79
C GLY A 137 -3.13 -19.07 -19.90
N ARG A 138 -2.68 -18.35 -18.87
CA ARG A 138 -1.71 -18.87 -17.91
C ARG A 138 -2.37 -19.51 -16.69
N THR A 139 -2.68 -20.80 -16.78
CA THR A 139 -3.43 -21.49 -15.72
C THR A 139 -2.80 -21.34 -14.32
N ASN A 140 -3.59 -20.86 -13.38
CA ASN A 140 -3.20 -20.79 -11.97
C ASN A 140 -2.11 -19.76 -11.64
N GLN A 141 -1.67 -19.00 -12.65
CA GLN A 141 -0.66 -17.97 -12.43
C GLN A 141 -1.30 -16.61 -12.15
N GLY A 142 -2.64 -16.58 -12.19
CA GLY A 142 -3.39 -15.33 -12.08
C GLY A 142 -3.10 -14.53 -10.84
N ASN A 143 -3.05 -15.19 -9.70
CA ASN A 143 -2.67 -14.53 -8.46
C ASN A 143 -1.30 -13.90 -8.58
N ALA A 144 -0.33 -14.73 -8.93
CA ALA A 144 1.05 -14.31 -9.08
C ALA A 144 1.14 -13.06 -9.96
N ILE A 145 0.36 -13.04 -11.05
CA ILE A 145 0.41 -11.91 -11.98
C ILE A 145 -0.19 -10.65 -11.35
N ILE A 146 -1.36 -10.78 -10.74
CA ILE A 146 -1.99 -9.64 -10.09
C ILE A 146 -1.10 -9.06 -8.99
N THR A 147 -0.53 -9.93 -8.18
CA THR A 147 0.34 -9.49 -7.10
C THR A 147 1.59 -8.80 -7.62
N ALA A 148 2.17 -9.35 -8.70
CA ALA A 148 3.37 -8.75 -9.31
C ALA A 148 3.13 -7.31 -9.72
N PHE A 149 1.87 -7.00 -10.07
CA PHE A 149 1.50 -5.64 -10.48
C PHE A 149 0.82 -4.80 -9.39
N THR A 150 0.88 -5.30 -8.17
CA THR A 150 0.34 -4.58 -7.01
C THR A 150 0.57 -3.06 -7.04
N TYR A 151 1.80 -2.63 -7.31
CA TYR A 151 2.09 -1.20 -7.35
C TYR A 151 1.16 -0.41 -8.28
N PHE A 152 0.68 -1.05 -9.33
CA PHE A 152 0.00 -0.33 -10.39
C PHE A 152 -1.50 -0.27 -10.22
N HIS A 153 -2.04 -1.05 -9.28
CA HIS A 153 -3.49 -1.06 -9.08
C HIS A 153 -3.94 -0.92 -7.63
N ASN A 154 -3.08 -1.22 -6.68
CA ASN A 154 -3.49 -1.04 -5.30
C ASN A 154 -3.61 0.45 -5.00
N PRO A 155 -4.74 0.87 -4.42
CA PRO A 155 -4.98 2.31 -4.29
C PRO A 155 -3.98 3.05 -3.40
N TYR A 156 -3.27 2.34 -2.54
CA TYR A 156 -2.31 2.98 -1.63
C TYR A 156 -1.32 3.85 -2.42
N PHE A 157 -0.95 3.35 -3.60
CA PHE A 157 0.04 3.95 -4.46
C PHE A 157 -0.52 4.94 -5.48
N ALA A 158 -1.82 5.26 -5.38
CA ALA A 158 -2.48 6.09 -6.37
C ALA A 158 -1.84 7.48 -6.53
N SER A 159 -1.39 8.07 -5.43
CA SER A 159 -0.82 9.41 -5.50
C SER A 159 0.57 9.39 -6.12
N ARG A 160 1.06 8.20 -6.46
CA ARG A 160 2.39 8.07 -7.07
C ARG A 160 2.33 7.77 -8.57
N TRP A 161 1.11 7.69 -9.11
CA TRP A 161 0.93 7.23 -10.49
C TRP A 161 1.14 8.33 -11.53
N GLU A 162 1.30 9.56 -11.09
CA GLU A 162 1.58 10.64 -12.03
C GLU A 162 3.05 11.09 -12.02
N GLN A 163 3.87 10.38 -11.28
CA GLN A 163 5.29 10.69 -11.22
C GLN A 163 6.02 10.28 -12.51
N ALA A 164 7.16 10.92 -12.77
CA ALA A 164 7.99 10.58 -13.92
C ALA A 164 8.42 9.13 -13.85
N GLY A 165 8.33 8.41 -14.96
CA GLY A 165 8.78 7.02 -15.00
C GLY A 165 7.70 5.97 -14.83
N TYR A 166 6.47 6.40 -14.61
CA TYR A 166 5.36 5.45 -14.41
C TYR A 166 5.27 4.43 -15.56
N VAL A 167 5.19 4.93 -16.79
CA VAL A 167 5.08 4.07 -17.96
C VAL A 167 6.26 3.11 -18.08
N ASP A 168 7.47 3.66 -18.04
CA ASP A 168 8.66 2.83 -18.16
C ASP A 168 8.71 1.80 -17.05
N LEU A 169 8.26 2.18 -15.86
CA LEU A 169 8.30 1.22 -14.77
C LEU A 169 7.30 0.12 -15.05
N PHE A 170 6.12 0.50 -15.51
CA PHE A 170 5.13 -0.48 -15.95
C PHE A 170 5.71 -1.42 -17.02
N GLU A 171 6.27 -0.85 -18.08
CA GLU A 171 6.92 -1.67 -19.11
C GLU A 171 8.06 -2.55 -18.57
N ASP A 172 8.92 -1.97 -17.73
CA ASP A 172 10.00 -2.72 -17.08
C ASP A 172 9.48 -3.90 -16.26
N VAL A 173 8.46 -3.69 -15.43
CA VAL A 173 7.85 -4.80 -14.70
C VAL A 173 7.27 -5.85 -15.69
N TRP A 174 6.68 -5.39 -16.78
CA TRP A 174 6.09 -6.32 -17.74
C TRP A 174 7.16 -7.20 -18.39
N GLN A 175 8.31 -6.61 -18.71
CA GLN A 175 9.39 -7.39 -19.28
C GLN A 175 9.80 -8.61 -18.43
N ILE A 176 9.70 -8.50 -17.12
CA ILE A 176 10.11 -9.61 -16.26
C ILE A 176 9.10 -10.76 -16.29
N VAL A 177 7.82 -10.41 -16.29
CA VAL A 177 6.77 -11.41 -16.18
C VAL A 177 6.38 -12.02 -17.53
N LYS A 178 6.50 -11.23 -18.59
CA LYS A 178 6.22 -11.70 -19.94
C LYS A 178 6.84 -13.08 -20.16
N ARG B 6 27.63 17.39 29.56
CA ARG B 6 26.36 18.10 29.54
C ARG B 6 25.39 17.53 28.49
N LEU B 7 25.55 17.95 27.23
CA LEU B 7 24.63 17.51 26.17
C LEU B 7 25.30 16.75 25.03
N SER B 8 24.68 15.65 24.62
CA SER B 8 25.16 14.88 23.49
C SER B 8 24.02 14.60 22.49
N GLN B 9 24.35 14.63 21.21
CA GLN B 9 23.39 14.24 20.18
C GLN B 9 22.64 12.97 20.59
N GLU B 10 23.40 11.97 21.06
CA GLU B 10 22.81 10.68 21.40
C GLU B 10 21.74 10.77 22.48
N ILE B 11 21.97 11.58 23.52
CA ILE B 11 20.98 11.67 24.59
C ILE B 11 19.77 12.48 24.12
N ILE B 12 20.01 13.47 23.26
CA ILE B 12 18.91 14.20 22.63
C ILE B 12 18.01 13.25 21.83
N LEU B 13 18.61 12.51 20.91
CA LEU B 13 17.87 11.51 20.13
C LEU B 13 17.10 10.52 21.01
N ASN B 14 17.79 9.94 21.99
CA ASN B 14 17.18 8.92 22.84
C ASN B 14 15.97 9.46 23.61
N MSE B 15 16.06 10.71 24.06
CA MSE B 15 14.95 11.32 24.77
C MSE B 15 13.80 11.61 23.81
O MSE B 15 12.66 11.36 24.11
CB MSE B 15 15.40 12.60 25.49
CG MSE B 15 14.26 13.33 26.22
SE MSE B 15 13.44 12.31 27.68
CE MSE B 15 14.73 12.69 29.11
N ALA B 16 14.14 12.14 22.63
CA ALA B 16 13.15 12.42 21.62
C ALA B 16 12.39 11.15 21.26
N GLU B 17 13.12 10.06 21.05
CA GLU B 17 12.48 8.82 20.66
C GLU B 17 11.63 8.25 21.78
N LYS B 18 12.05 8.49 23.02
CA LYS B 18 11.29 8.03 24.18
C LYS B 18 9.94 8.76 24.25
N ILE B 19 9.96 10.04 23.89
CA ILE B 19 8.78 10.89 24.02
C ILE B 19 7.74 10.69 22.90
N ILE B 20 8.19 10.64 21.66
CA ILE B 20 7.26 10.43 20.55
C ILE B 20 6.71 9.02 20.55
N TYR B 21 7.41 8.10 21.22
CA TYR B 21 6.91 6.74 21.35
C TYR B 21 5.59 6.76 22.10
N GLU B 22 5.51 7.64 23.09
CA GLU B 22 4.32 7.71 23.92
C GLU B 22 3.27 8.75 23.49
N LYS B 23 3.67 9.81 22.79
CA LYS B 23 2.68 10.79 22.34
C LYS B 23 2.68 11.08 20.83
N GLY B 24 3.70 10.58 20.13
CA GLY B 24 3.75 10.69 18.68
C GLY B 24 4.33 11.99 18.17
N MSE B 25 4.78 11.98 16.92
CA MSE B 25 5.48 13.13 16.35
C MSE B 25 4.64 14.42 16.27
O MSE B 25 5.17 15.51 16.48
CB MSE B 25 6.03 12.79 14.98
CG MSE B 25 7.05 11.69 14.99
SE MSE B 25 7.71 11.27 13.21
CE MSE B 25 8.79 9.72 13.68
N GLU B 26 3.36 14.28 15.93
CA GLU B 26 2.51 15.45 15.75
C GLU B 26 2.56 16.34 16.98
N LYS B 27 2.31 15.76 18.14
CA LYS B 27 2.17 16.53 19.38
C LYS B 27 3.52 16.93 19.97
N THR B 28 4.49 16.03 19.90
CA THR B 28 5.81 16.26 20.49
C THR B 28 6.48 17.52 19.91
N THR B 29 6.91 18.41 20.81
CA THR B 29 7.66 19.61 20.42
C THR B 29 9.09 19.59 20.98
N LEU B 30 9.92 20.54 20.57
CA LEU B 30 11.28 20.62 21.10
C LEU B 30 11.23 21.03 22.55
N TYR B 31 10.36 21.99 22.85
CA TYR B 31 10.05 22.36 24.23
C TYR B 31 9.88 21.10 25.09
N ASP B 32 9.03 20.18 24.62
CA ASP B 32 8.81 18.91 25.33
C ASP B 32 10.10 18.15 25.61
N ILE B 33 11.06 18.26 24.68
CA ILE B 33 12.32 17.53 24.78
C ILE B 33 13.32 18.21 25.70
N ALA B 34 13.48 19.51 25.53
CA ALA B 34 14.40 20.27 26.35
C ALA B 34 13.98 20.19 27.81
N SER B 35 12.69 20.42 28.04
CA SER B 35 12.12 20.28 29.37
C SER B 35 12.30 18.87 29.92
N ASN B 36 12.20 17.86 29.06
CA ASN B 36 12.32 16.48 29.51
C ASN B 36 13.78 16.09 29.81
N LEU B 37 14.71 16.81 29.18
CA LEU B 37 16.13 16.64 29.49
C LEU B 37 16.48 17.60 30.61
N ASN B 38 15.57 18.52 30.88
CA ASN B 38 15.78 19.57 31.88
C ASN B 38 16.93 20.49 31.55
N VAL B 39 17.44 20.33 30.33
CA VAL B 39 18.44 21.24 29.78
C VAL B 39 17.80 22.56 29.37
N THR B 40 18.60 23.63 29.39
CA THR B 40 18.14 24.94 28.95
C THR B 40 17.64 24.83 27.51
N HIS B 41 17.07 25.93 27.01
CA HIS B 41 16.37 25.87 25.74
C HIS B 41 17.28 25.91 24.52
N ALA B 42 17.72 27.11 24.16
CA ALA B 42 18.51 27.32 22.96
C ALA B 42 19.71 26.41 22.91
N ALA B 43 20.04 25.81 24.05
CA ALA B 43 21.12 24.83 24.11
C ALA B 43 20.79 23.67 23.17
N LEU B 44 19.50 23.57 22.84
CA LEU B 44 19.02 22.52 21.94
C LEU B 44 19.18 22.93 20.47
N TYR B 45 19.11 24.22 20.21
CA TYR B 45 19.26 24.76 18.87
C TYR B 45 20.64 24.55 18.26
N LYS B 46 21.64 24.31 19.10
CA LYS B 46 22.96 23.95 18.61
C LYS B 46 22.89 22.66 17.79
N HIS B 47 22.05 21.72 18.23
CA HIS B 47 21.96 20.41 17.59
C HIS B 47 20.87 20.35 16.52
N TYR B 48 19.70 20.89 16.84
CA TYR B 48 18.57 20.89 15.90
C TYR B 48 17.76 22.17 15.98
N ARG B 49 17.82 22.98 14.91
CA ARG B 49 17.06 24.24 14.87
C ARG B 49 15.60 23.99 14.53
N ASN B 50 15.23 22.72 14.38
CA ASN B 50 13.91 22.34 13.89
C ASN B 50 13.57 20.93 14.35
N LYS B 51 12.29 20.60 14.50
CA LYS B 51 11.92 19.27 14.96
C LYS B 51 11.80 18.24 13.83
N GLU B 52 11.53 18.71 12.63
CA GLU B 52 11.43 17.79 11.49
C GLU B 52 12.82 17.24 11.18
N ASP B 53 13.84 18.06 11.41
CA ASP B 53 15.22 17.64 11.23
C ASP B 53 15.53 16.46 12.15
N LEU B 54 15.14 16.61 13.40
CA LEU B 54 15.35 15.59 14.42
C LEU B 54 14.60 14.29 14.10
N PHE B 55 13.35 14.40 13.64
CA PHE B 55 12.57 13.21 13.33
C PHE B 55 13.16 12.41 12.17
N GLN B 56 13.68 13.13 11.18
CA GLN B 56 14.27 12.48 10.02
C GLN B 56 15.48 11.68 10.46
N LYS B 57 16.31 12.30 11.31
CA LYS B 57 17.48 11.63 11.86
C LYS B 57 17.09 10.34 12.60
N LEU B 58 16.11 10.42 13.49
CA LEU B 58 15.60 9.24 14.22
C LEU B 58 15.07 8.18 13.26
N ALA B 59 14.40 8.61 12.19
CA ALA B 59 13.84 7.72 11.18
C ALA B 59 14.94 6.99 10.44
N LEU B 60 15.89 7.74 9.90
CA LEU B 60 17.06 7.19 9.22
C LEU B 60 17.76 6.16 10.09
N ARG B 61 18.09 6.56 11.32
CA ARG B 61 18.78 5.69 12.26
C ARG B 61 18.05 4.37 12.42
N TRP B 62 16.72 4.44 12.51
CA TRP B 62 15.93 3.23 12.72
C TRP B 62 15.89 2.33 11.47
N LEU B 63 15.76 2.95 10.31
CA LEU B 63 15.86 2.23 9.05
C LEU B 63 17.22 1.49 8.87
N GLU B 64 18.33 2.17 9.16
CA GLU B 64 19.66 1.53 9.09
C GLU B 64 19.71 0.21 9.86
N GLU B 65 19.28 0.23 11.13
CA GLU B 65 19.34 -0.96 11.98
C GLU B 65 18.41 -2.05 11.49
N THR B 66 17.22 -1.66 11.06
CA THR B 66 16.25 -2.62 10.53
C THR B 66 16.85 -3.37 9.36
N SER B 67 17.38 -2.63 8.39
CA SER B 67 17.80 -3.21 7.12
C SER B 67 19.27 -3.62 7.00
N ARG B 68 20.03 -3.45 8.08
CA ARG B 68 21.48 -3.72 8.03
C ARG B 68 21.80 -5.11 7.47
N GLU B 69 21.09 -6.12 7.98
CA GLU B 69 21.29 -7.49 7.56
C GLU B 69 20.94 -7.70 6.09
N ILE B 70 20.00 -6.89 5.60
CA ILE B 70 19.53 -6.95 4.23
C ILE B 70 20.58 -6.41 3.26
N PHE B 71 21.33 -5.41 3.70
CA PHE B 71 22.37 -4.89 2.83
C PHE B 71 23.70 -5.61 3.02
N ALA B 72 23.87 -6.30 4.16
CA ALA B 72 25.09 -7.02 4.44
C ALA B 72 25.13 -8.39 3.77
N TRP B 73 23.96 -8.98 3.53
CA TRP B 73 23.89 -10.36 3.03
C TRP B 73 24.70 -10.57 1.75
N THR B 74 25.30 -11.75 1.63
CA THR B 74 25.91 -12.15 0.38
C THR B 74 25.83 -13.65 0.20
N GLN B 75 25.94 -14.12 -1.03
CA GLN B 75 25.77 -15.53 -1.33
C GLN B 75 26.98 -16.40 -0.98
N ASP B 76 26.74 -17.71 -0.99
CA ASP B 76 27.79 -18.68 -0.77
C ASP B 76 28.38 -19.07 -2.13
N ALA B 77 29.65 -19.43 -2.13
CA ALA B 77 30.33 -19.95 -3.31
C ALA B 77 29.55 -21.10 -3.93
N GLY B 78 29.32 -21.00 -5.22
CA GLY B 78 28.67 -22.08 -5.93
C GLY B 78 27.21 -21.80 -6.18
N GLN B 79 26.60 -20.91 -5.41
CA GLN B 79 25.23 -20.49 -5.69
C GLN B 79 25.20 -19.79 -7.05
N THR B 80 24.15 -20.08 -7.79
CA THR B 80 23.77 -19.31 -8.96
C THR B 80 23.16 -17.98 -8.53
N PRO B 81 23.45 -16.91 -9.27
CA PRO B 81 22.83 -15.60 -9.05
C PRO B 81 21.30 -15.65 -8.96
N ASP B 82 20.65 -16.56 -9.68
CA ASP B 82 19.18 -16.66 -9.59
C ASP B 82 18.78 -17.09 -8.18
N ASP B 83 19.37 -18.18 -7.70
CA ASP B 83 19.12 -18.68 -6.36
C ASP B 83 19.40 -17.65 -5.28
N ALA B 84 20.47 -16.90 -5.49
CA ALA B 84 20.90 -15.91 -4.49
C ALA B 84 19.91 -14.75 -4.49
N LEU B 85 19.44 -14.38 -5.68
CA LEU B 85 18.38 -13.39 -5.75
C LEU B 85 17.14 -13.92 -5.00
N HIS B 86 16.81 -15.19 -5.21
CA HIS B 86 15.66 -15.77 -4.52
C HIS B 86 15.81 -15.64 -3.01
N ASP B 87 16.97 -16.07 -2.48
CA ASP B 87 17.24 -16.08 -1.05
C ASP B 87 17.25 -14.67 -0.48
N TRP B 88 17.80 -13.73 -1.24
CA TRP B 88 17.89 -12.34 -0.79
C TRP B 88 16.50 -11.72 -0.72
N LEU B 89 15.69 -11.96 -1.75
CA LEU B 89 14.30 -11.51 -1.73
C LEU B 89 13.55 -12.06 -0.52
N TRP B 90 13.75 -13.34 -0.18
CA TRP B 90 13.14 -13.94 1.00
C TRP B 90 13.62 -13.26 2.30
N LEU B 91 14.92 -12.95 2.37
CA LEU B 91 15.48 -12.29 3.55
C LEU B 91 14.89 -10.90 3.69
N LEU B 92 14.73 -10.23 2.56
CA LEU B 92 14.14 -8.90 2.55
C LEU B 92 12.71 -8.94 3.09
N ALA B 93 11.96 -9.97 2.71
CA ALA B 93 10.57 -10.08 3.14
C ALA B 93 10.48 -10.50 4.59
N ASP B 94 11.26 -11.52 4.96
CA ASP B 94 11.27 -12.04 6.32
C ASP B 94 11.69 -10.98 7.31
N THR B 95 12.56 -10.09 6.87
CA THR B 95 13.09 -9.07 7.77
C THR B 95 12.00 -8.06 8.08
N LYS B 96 11.32 -7.59 7.05
CA LYS B 96 10.24 -6.64 7.27
C LYS B 96 9.16 -7.28 8.15
N LYS B 97 8.82 -8.52 7.82
CA LYS B 97 7.80 -9.25 8.57
C LYS B 97 8.12 -9.36 10.08
N LYS B 98 9.35 -9.76 10.41
CA LYS B 98 9.71 -9.96 11.82
C LYS B 98 9.85 -8.65 12.61
N ARG B 99 10.30 -7.60 11.93
CA ARG B 99 10.36 -6.27 12.54
C ARG B 99 8.96 -5.82 12.96
N TYR B 100 7.96 -6.14 12.13
CA TYR B 100 6.58 -5.73 12.40
C TYR B 100 6.05 -6.47 13.63
N LYS B 101 6.42 -7.74 13.75
CA LYS B 101 6.06 -8.54 14.91
C LYS B 101 6.86 -8.13 16.17
N THR B 102 8.15 -7.86 15.99
CA THR B 102 9.09 -7.58 17.08
C THR B 102 8.79 -6.29 17.83
N ASP B 103 8.46 -5.23 17.10
CA ASP B 103 7.92 -4.03 17.72
C ASP B 103 6.98 -3.29 16.78
N ARG B 104 5.69 -3.49 16.98
CA ARG B 104 4.70 -2.87 16.14
C ARG B 104 4.69 -1.37 16.30
N LYS B 105 4.60 -0.90 17.54
CA LYS B 105 4.48 0.52 17.80
C LYS B 105 5.52 1.27 16.96
N MSE B 106 6.80 0.97 17.18
CA MSE B 106 7.88 1.62 16.45
C MSE B 106 7.75 1.42 14.94
O MSE B 106 7.96 2.35 14.14
CB MSE B 106 9.24 1.06 16.91
CG MSE B 106 10.39 2.05 16.90
SE MSE B 106 10.20 3.39 18.31
CE MSE B 106 10.77 2.32 19.84
N PHE B 107 7.44 0.20 14.53
CA PHE B 107 7.30 -0.11 13.12
C PHE B 107 6.22 0.79 12.50
N LEU B 108 5.07 0.90 13.17
CA LEU B 108 4.03 1.81 12.72
C LEU B 108 4.49 3.28 12.66
N LEU B 109 5.08 3.78 13.74
CA LEU B 109 5.44 5.19 13.82
C LEU B 109 6.51 5.62 12.81
N TYR B 110 7.55 4.80 12.63
CA TYR B 110 8.62 5.15 11.72
C TYR B 110 8.24 4.88 10.26
N THR B 111 7.54 3.77 10.04
CA THR B 111 7.02 3.45 8.72
C THR B 111 6.07 4.54 8.25
N ASP B 112 5.16 4.94 9.13
CA ASP B 112 4.18 5.98 8.80
C ASP B 112 4.91 7.21 8.29
N TYR B 113 5.94 7.60 9.04
CA TYR B 113 6.70 8.82 8.76
C TYR B 113 7.51 8.74 7.46
N ILE B 114 8.09 7.57 7.19
CA ILE B 114 9.01 7.43 6.06
C ILE B 114 8.29 7.40 4.73
N GLU B 115 7.18 6.67 4.68
CA GLU B 115 6.34 6.59 3.48
C GLU B 115 5.93 7.99 3.02
N GLN B 116 5.57 8.86 3.96
CA GLN B 116 5.14 10.22 3.63
C GLN B 116 6.31 11.17 3.29
N ASN B 117 7.54 10.69 3.43
CA ASN B 117 8.73 11.48 3.08
C ASN B 117 9.39 11.03 1.77
N GLU B 118 8.97 11.66 0.67
CA GLU B 118 9.30 11.19 -0.67
C GLU B 118 10.77 10.80 -0.87
N GLU B 119 11.68 11.67 -0.44
CA GLU B 119 13.11 11.47 -0.66
C GLU B 119 13.63 10.30 0.16
N LEU B 120 13.14 10.17 1.38
CA LEU B 120 13.51 9.05 2.23
C LEU B 120 13.12 7.69 1.61
N VAL B 121 11.90 7.58 1.09
CA VAL B 121 11.50 6.32 0.48
C VAL B 121 12.23 6.08 -0.83
N LYS B 122 12.24 7.10 -1.67
CA LYS B 122 12.94 7.02 -2.94
C LYS B 122 14.36 6.51 -2.74
N ASN B 123 15.03 7.02 -1.73
CA ASN B 123 16.41 6.57 -1.48
C ASN B 123 16.45 5.10 -1.09
N HIS B 124 15.61 4.74 -0.12
CA HIS B 124 15.53 3.36 0.34
C HIS B 124 15.16 2.38 -0.77
N VAL B 125 14.17 2.69 -1.59
CA VAL B 125 13.87 1.68 -2.61
C VAL B 125 14.97 1.65 -3.66
N ALA B 126 15.60 2.80 -3.90
CA ALA B 126 16.74 2.86 -4.79
C ALA B 126 17.92 2.03 -4.25
N HIS B 127 18.12 2.03 -2.94
CA HIS B 127 19.19 1.22 -2.34
C HIS B 127 18.89 -0.25 -2.55
N LEU B 128 17.65 -0.65 -2.26
CA LEU B 128 17.22 -2.02 -2.42
C LEU B 128 17.40 -2.47 -3.86
N ALA B 129 17.22 -1.54 -4.81
CA ALA B 129 17.29 -1.86 -6.22
C ALA B 129 18.74 -2.16 -6.60
N GLN B 130 19.65 -1.34 -6.08
CA GLN B 130 21.09 -1.58 -6.26
C GLN B 130 21.45 -2.97 -5.74
N LYS B 131 21.06 -3.24 -4.50
CA LYS B 131 21.38 -4.52 -3.86
C LYS B 131 20.89 -5.68 -4.71
N ALA B 132 19.66 -5.56 -5.20
CA ALA B 132 19.06 -6.59 -6.01
C ALA B 132 19.90 -6.85 -7.27
N GLU B 133 20.39 -5.78 -7.88
CA GLU B 133 21.29 -5.93 -9.03
C GLU B 133 22.64 -6.53 -8.63
N GLU B 134 23.17 -6.08 -7.50
CA GLU B 134 24.49 -6.52 -7.07
C GLU B 134 24.47 -8.03 -6.79
N VAL B 135 23.33 -8.50 -6.27
CA VAL B 135 23.17 -9.92 -5.99
C VAL B 135 22.83 -10.73 -7.23
N SER B 136 21.90 -10.21 -8.03
CA SER B 136 21.32 -11.01 -9.11
C SER B 136 22.09 -10.93 -10.42
N GLY B 137 22.80 -9.82 -10.63
CA GLY B 137 23.48 -9.57 -11.90
C GLY B 137 22.55 -9.15 -13.03
N ARG B 138 21.28 -8.93 -12.71
CA ARG B 138 20.32 -8.47 -13.75
C ARG B 138 20.38 -6.94 -13.88
N THR B 139 21.33 -6.50 -14.71
CA THR B 139 21.64 -5.08 -14.77
C THR B 139 20.44 -4.27 -15.24
N ASN B 140 20.19 -3.16 -14.55
CA ASN B 140 19.09 -2.25 -14.84
C ASN B 140 17.69 -2.73 -14.46
N GLN B 141 17.62 -3.95 -13.94
CA GLN B 141 16.32 -4.53 -13.64
C GLN B 141 15.97 -4.45 -12.15
N GLY B 142 16.85 -3.82 -11.38
CA GLY B 142 16.69 -3.79 -9.94
C GLY B 142 15.37 -3.15 -9.51
N ASN B 143 15.17 -1.91 -9.92
CA ASN B 143 13.96 -1.19 -9.60
C ASN B 143 12.73 -2.04 -9.96
N ALA B 144 12.75 -2.69 -11.11
CA ALA B 144 11.61 -3.51 -11.51
C ALA B 144 11.40 -4.72 -10.60
N ILE B 145 12.50 -5.33 -10.16
CA ILE B 145 12.39 -6.49 -9.30
C ILE B 145 11.80 -6.18 -7.92
N ILE B 146 12.28 -5.09 -7.31
CA ILE B 146 11.69 -4.60 -6.04
C ILE B 146 10.20 -4.27 -6.25
N THR B 147 9.92 -3.57 -7.34
CA THR B 147 8.55 -3.14 -7.66
C THR B 147 7.64 -4.37 -7.76
N ALA B 148 8.13 -5.43 -8.40
CA ALA B 148 7.39 -6.68 -8.54
C ALA B 148 7.04 -7.36 -7.20
N PHE B 149 7.87 -7.13 -6.18
CA PHE B 149 7.69 -7.78 -4.89
C PHE B 149 7.08 -6.85 -3.84
N THR B 150 6.70 -5.66 -4.27
CA THR B 150 6.16 -4.62 -3.41
C THR B 150 5.24 -5.14 -2.28
N TYR B 151 4.37 -6.08 -2.63
CA TYR B 151 3.42 -6.63 -1.66
C TYR B 151 4.13 -7.19 -0.43
N PHE B 152 5.34 -7.69 -0.63
CA PHE B 152 6.06 -8.40 0.40
C PHE B 152 6.97 -7.52 1.28
N HIS B 153 7.23 -6.28 0.87
CA HIS B 153 8.09 -5.43 1.69
C HIS B 153 7.52 -4.06 1.98
N ASN B 154 6.49 -3.65 1.25
CA ASN B 154 5.93 -2.35 1.55
C ASN B 154 5.17 -2.44 2.87
N PRO B 155 5.46 -1.52 3.78
CA PRO B 155 4.87 -1.65 5.12
C PRO B 155 3.35 -1.51 5.13
N TYR B 156 2.78 -0.91 4.09
CA TYR B 156 1.33 -0.82 4.01
C TYR B 156 0.71 -2.22 4.12
N PHE B 157 1.44 -3.23 3.67
CA PHE B 157 0.93 -4.59 3.65
C PHE B 157 1.20 -5.45 4.90
N ALA B 158 2.03 -4.93 5.82
CA ALA B 158 2.42 -5.64 7.05
C ALA B 158 1.34 -6.57 7.67
N SER B 159 0.17 -6.03 8.00
CA SER B 159 -0.84 -6.79 8.74
C SER B 159 -1.44 -7.98 7.98
N ARG B 160 -0.95 -8.20 6.77
CA ARG B 160 -1.43 -9.30 5.95
C ARG B 160 -0.47 -10.49 5.95
N TRP B 161 0.79 -10.24 6.34
CA TRP B 161 1.86 -11.22 6.13
C TRP B 161 1.65 -12.49 6.97
N GLU B 162 0.67 -12.46 7.85
CA GLU B 162 0.35 -13.62 8.66
C GLU B 162 -0.82 -14.41 8.08
N GLN B 163 -1.47 -13.88 7.05
CA GLN B 163 -2.59 -14.62 6.43
C GLN B 163 -2.14 -15.94 5.79
N ALA B 164 -3.10 -16.81 5.49
CA ALA B 164 -2.77 -18.08 4.86
C ALA B 164 -2.31 -17.88 3.41
N GLY B 165 -1.36 -18.70 2.98
CA GLY B 165 -0.92 -18.67 1.59
C GLY B 165 0.16 -17.64 1.33
N TYR B 166 0.69 -17.06 2.41
CA TYR B 166 1.79 -16.10 2.30
C TYR B 166 2.99 -16.71 1.58
N VAL B 167 3.54 -17.77 2.16
CA VAL B 167 4.70 -18.43 1.58
C VAL B 167 4.44 -18.83 0.13
N ASP B 168 3.28 -19.42 -0.12
CA ASP B 168 2.95 -19.93 -1.46
C ASP B 168 2.90 -18.82 -2.52
N LEU B 169 2.26 -17.71 -2.17
CA LEU B 169 2.15 -16.57 -3.07
C LEU B 169 3.52 -16.03 -3.41
N PHE B 170 4.37 -15.87 -2.38
CA PHE B 170 5.75 -15.47 -2.60
C PHE B 170 6.45 -16.36 -3.62
N GLU B 171 6.38 -17.67 -3.41
CA GLU B 171 6.94 -18.61 -4.38
C GLU B 171 6.39 -18.40 -5.80
N ASP B 172 5.06 -18.26 -5.91
CA ASP B 172 4.40 -18.13 -7.22
C ASP B 172 4.83 -16.88 -7.96
N VAL B 173 5.00 -15.79 -7.24
CA VAL B 173 5.55 -14.57 -7.82
C VAL B 173 6.99 -14.82 -8.30
N TRP B 174 7.81 -15.47 -7.46
CA TRP B 174 9.19 -15.79 -7.82
C TRP B 174 9.23 -16.60 -9.11
N GLN B 175 8.41 -17.65 -9.17
CA GLN B 175 8.29 -18.45 -10.37
C GLN B 175 8.13 -17.65 -11.67
N ILE B 176 7.43 -16.51 -11.61
CA ILE B 176 7.21 -15.73 -12.84
C ILE B 176 8.24 -14.65 -13.10
N VAL B 177 9.05 -14.32 -12.09
CA VAL B 177 10.06 -13.31 -12.33
C VAL B 177 11.42 -13.92 -12.65
N LYS B 178 11.68 -15.10 -12.11
CA LYS B 178 13.00 -15.70 -12.24
C LYS B 178 13.37 -16.06 -13.68
#